data_4KH3
#
_entry.id   4KH3
#
_cell.length_a   106.045
_cell.length_b   106.045
_cell.length_c   147.545
_cell.angle_alpha   90.00
_cell.angle_beta   90.00
_cell.angle_gamma   90.00
#
_symmetry.space_group_name_H-M   'P 4 21 2'
#
loop_
_entity.id
_entity.type
_entity.pdbx_description
1 polymer 'Antigen 43'
2 non-polymer 'MALONATE ION'
3 water water
#
_entity_poly.entity_id   1
_entity_poly.type   'polypeptide(L)'
_entity_poly.pdbx_seq_one_letter_code
;SNAADIVVHPGETVNGGTLVNHDNQFVSGTANGVTVSTGLELGPDSDENTGGQWIKAGGTGRNTTVTANGRQIVQAGGTA
SDTVIRDGGGQSLNGLAVNTTLDNRGEQWVHGGGKAAGTIINQDGYQTIKHGGLATGTIVNTGAEGGPESENVSSGQMVG
GTAESTTINKNGRQVIWSSGMARDTLIYAGGDQTVHGEAHNTRLEGGNQYVHNGGTATETLINRDGWQVIKEGGTAAHTT
INQKGKLQVNAGGKASDVTQNTGGALVTSTAATVTGTNRLGAFSVVAGKADNVVLENGGRLDVLSGHTATNTRVDDGGTL
DIRNGGAATTVSMGNGGVLLADSGAAVSGTRSDGKAFSIGGGQADALMLEKGSSFTLNAGDTATDTTVNGGLFTARGGTL
AGTTTLNNGAILTLSGKTVNNDTLTIREGDALLQGGSLTGNGSVEKSGSGTLTVSNTTLTQKAVNLNEGTLTLNDSTVTT
DVIAQRGTALKLTGSTVLNGAID
;
_entity_poly.pdbx_strand_id   A
#
# COMPACT_ATOMS: atom_id res chain seq x y z
N ALA A 4 -4.29 52.81 19.13
CA ALA A 4 -3.66 53.52 18.01
C ALA A 4 -4.10 52.95 16.66
N ASP A 5 -4.38 53.84 15.72
CA ASP A 5 -4.89 53.45 14.39
C ASP A 5 -4.11 54.09 13.24
N ILE A 6 -2.95 53.53 12.91
CA ILE A 6 -2.15 54.04 11.79
C ILE A 6 -2.88 53.85 10.47
N VAL A 7 -2.90 54.90 9.66
CA VAL A 7 -3.49 54.81 8.34
C VAL A 7 -2.43 55.07 7.29
N VAL A 8 -2.36 54.21 6.27
CA VAL A 8 -1.44 54.42 5.17
C VAL A 8 -2.26 54.66 3.92
N HIS A 9 -2.19 55.89 3.41
CA HIS A 9 -3.03 56.33 2.29
C HIS A 9 -2.45 55.85 0.96
N PRO A 10 -3.29 55.83 -0.08
CA PRO A 10 -2.78 55.60 -1.44
C PRO A 10 -1.63 56.53 -1.72
N GLY A 11 -0.59 56.04 -2.40
CA GLY A 11 0.57 56.86 -2.71
C GLY A 11 1.61 56.94 -1.61
N GLU A 12 1.24 56.45 -0.43
CA GLU A 12 2.11 56.54 0.74
C GLU A 12 2.77 55.17 0.95
N THR A 13 4.01 55.18 1.44
CA THR A 13 4.72 53.95 1.74
C THR A 13 5.41 54.06 3.07
N VAL A 14 5.04 53.21 4.03
CA VAL A 14 5.71 53.21 5.33
C VAL A 14 6.58 51.97 5.51
N ASN A 15 7.57 52.08 6.40
CA ASN A 15 8.51 51.00 6.66
C ASN A 15 8.63 50.63 8.13
N GLY A 16 8.69 49.34 8.40
CA GLY A 16 8.90 48.84 9.76
C GLY A 16 7.79 49.18 10.75
N GLY A 17 8.10 48.99 12.02
CA GLY A 17 7.11 49.12 13.08
C GLY A 17 6.62 47.78 13.58
N THR A 18 5.99 47.77 14.74
CA THR A 18 5.46 46.54 15.31
C THR A 18 4.08 46.83 15.86
N LEU A 19 3.07 46.11 15.37
CA LEU A 19 1.72 46.28 15.87
C LEU A 19 1.48 45.43 17.11
N VAL A 20 1.13 46.08 18.21
CA VAL A 20 0.86 45.37 19.45
C VAL A 20 -0.44 45.90 20.05
N ASN A 21 -0.90 45.24 21.12
CA ASN A 21 -2.01 45.73 21.93
C ASN A 21 -3.20 46.22 21.12
N HIS A 22 -3.66 45.38 20.21
CA HIS A 22 -4.86 45.63 19.42
C HIS A 22 -4.81 46.86 18.51
N ASP A 23 -3.62 47.38 18.26
CA ASP A 23 -3.43 48.42 17.24
C ASP A 23 -3.90 47.90 15.88
N ASN A 24 -4.52 48.78 15.11
CA ASN A 24 -4.83 48.48 13.73
C ASN A 24 -3.93 49.29 12.83
N GLN A 25 -3.50 48.72 11.72
CA GLN A 25 -2.89 49.50 10.66
C GLN A 25 -3.73 49.26 9.42
N PHE A 26 -4.31 50.33 8.89
CA PHE A 26 -5.15 50.22 7.71
C PHE A 26 -4.36 50.70 6.49
N VAL A 27 -4.04 49.76 5.60
CA VAL A 27 -3.14 50.06 4.51
C VAL A 27 -3.88 50.17 3.20
N SER A 28 -3.88 51.38 2.64
CA SER A 28 -4.43 51.61 1.32
C SER A 28 -3.27 51.90 0.37
N GLY A 29 -2.13 52.21 0.95
CA GLY A 29 -0.91 52.37 0.16
C GLY A 29 -0.05 51.14 0.35
N THR A 30 1.23 51.34 0.64
CA THR A 30 2.14 50.23 0.86
C THR A 30 2.74 50.27 2.25
N ALA A 31 2.65 49.14 2.94
CA ALA A 31 3.31 48.95 4.21
C ALA A 31 4.36 47.86 4.04
N ASN A 32 5.61 48.19 4.32
CA ASN A 32 6.73 47.29 4.11
C ASN A 32 7.43 46.91 5.41
N GLY A 33 7.54 45.62 5.68
CA GLY A 33 8.38 45.13 6.76
C GLY A 33 7.80 45.29 8.14
N VAL A 34 6.49 45.51 8.21
CA VAL A 34 5.81 45.62 9.49
C VAL A 34 5.81 44.25 10.18
N THR A 35 6.10 44.24 11.48
CA THR A 35 5.91 43.05 12.32
C THR A 35 4.53 43.16 12.99
N VAL A 36 3.71 42.13 12.82
CA VAL A 36 2.34 42.14 13.30
C VAL A 36 2.19 41.13 14.45
N SER A 37 1.98 41.64 15.65
CA SER A 37 1.96 40.79 16.83
C SER A 37 0.68 40.94 17.62
N THR A 38 -0.39 41.29 16.94
CA THR A 38 -1.68 41.49 17.58
C THR A 38 -2.77 41.26 16.56
N GLY A 39 -3.97 40.90 17.04
CA GLY A 39 -5.13 40.71 16.19
C GLY A 39 -5.65 39.29 16.22
N LEU A 40 -4.87 38.38 16.81
CA LEU A 40 -5.27 36.97 16.91
C LEU A 40 -5.14 36.46 18.35
N GLU A 41 -5.13 37.39 19.30
CA GLU A 41 -5.00 37.03 20.72
C GLU A 41 -5.99 35.95 21.13
N LEU A 42 -7.22 36.03 20.60
CA LEU A 42 -8.27 35.10 21.00
C LEU A 42 -8.34 33.87 20.10
N GLY A 43 -7.46 33.82 19.12
CA GLY A 43 -7.41 32.68 18.23
C GLY A 43 -8.42 32.74 17.10
N PRO A 44 -8.24 31.85 16.11
CA PRO A 44 -9.05 31.89 14.88
C PRO A 44 -10.52 31.59 15.09
N ASP A 45 -10.88 30.90 16.16
CA ASP A 45 -12.26 30.44 16.35
C ASP A 45 -13.11 31.45 17.11
N SER A 46 -12.50 32.55 17.50
CA SER A 46 -13.24 33.65 18.09
C SER A 46 -13.58 34.63 16.97
N ASP A 47 -14.55 35.50 17.25
CA ASP A 47 -14.90 36.58 16.35
C ASP A 47 -14.90 37.86 17.16
N GLU A 48 -14.12 37.87 18.23
CA GLU A 48 -13.99 39.04 19.10
C GLU A 48 -12.62 39.72 18.95
N ASN A 49 -11.72 39.14 18.17
CA ASN A 49 -10.38 39.72 18.02
C ASN A 49 -10.44 41.15 17.52
N THR A 50 -9.46 41.95 17.94
CA THR A 50 -9.32 43.33 17.43
C THR A 50 -7.86 43.59 17.15
N GLY A 51 -7.59 44.45 16.17
CA GLY A 51 -6.21 44.79 15.84
C GLY A 51 -5.68 44.01 14.65
N GLY A 52 -4.50 44.37 14.18
CA GLY A 52 -3.89 43.70 13.04
C GLY A 52 -3.57 44.65 11.89
N GLN A 53 -2.96 44.09 10.85
CA GLN A 53 -2.65 44.85 9.64
C GLN A 53 -3.73 44.52 8.63
N TRP A 54 -4.48 45.53 8.23
CA TRP A 54 -5.58 45.37 7.28
C TRP A 54 -5.11 45.91 5.95
N ILE A 55 -4.89 45.02 4.98
CA ILE A 55 -4.50 45.46 3.66
C ILE A 55 -5.79 45.63 2.91
N LYS A 56 -6.13 46.88 2.61
CA LYS A 56 -7.41 47.17 2.00
C LYS A 56 -7.33 47.16 0.48
N ALA A 57 -8.50 47.28 -0.16
CA ALA A 57 -8.60 47.34 -1.61
C ALA A 57 -7.57 48.31 -2.20
N GLY A 58 -6.71 47.80 -3.07
CA GLY A 58 -5.70 48.62 -3.71
C GLY A 58 -4.43 48.76 -2.89
N GLY A 59 -4.45 48.28 -1.65
CA GLY A 59 -3.28 48.37 -0.79
C GLY A 59 -2.36 47.17 -0.94
N THR A 60 -1.13 47.33 -0.47
CA THR A 60 -0.13 46.28 -0.59
C THR A 60 0.64 46.14 0.70
N GLY A 61 0.73 44.89 1.20
CA GLY A 61 1.58 44.58 2.34
C GLY A 61 2.77 43.73 1.90
N ARG A 62 3.97 44.26 2.12
CA ARG A 62 5.20 43.57 1.71
C ARG A 62 6.03 43.21 2.90
N ASN A 63 6.61 42.01 2.89
CA ASN A 63 7.55 41.60 3.91
C ASN A 63 7.01 41.75 5.32
N THR A 64 5.71 41.50 5.46
CA THR A 64 5.11 41.47 6.78
C THR A 64 5.56 40.20 7.49
N THR A 65 5.95 40.34 8.75
CA THR A 65 6.16 39.18 9.60
C THR A 65 5.02 39.10 10.58
N VAL A 66 4.33 37.97 10.60
CA VAL A 66 3.19 37.79 11.50
C VAL A 66 3.59 36.78 12.56
N THR A 67 3.57 37.22 13.82
CA THR A 67 4.00 36.40 14.94
C THR A 67 2.79 35.81 15.67
N ALA A 68 3.05 35.16 16.80
CA ALA A 68 2.09 34.33 17.52
C ALA A 68 0.66 34.87 17.70
N ASN A 69 0.54 36.13 18.12
CA ASN A 69 -0.78 36.72 18.28
C ASN A 69 -1.16 37.63 17.12
N GLY A 70 -0.38 37.56 16.04
CA GLY A 70 -0.55 38.48 14.94
C GLY A 70 -1.64 38.03 14.00
N ARG A 71 -2.37 38.99 13.46
CA ARG A 71 -3.29 38.72 12.36
C ARG A 71 -3.06 39.73 11.23
N GLN A 72 -2.86 39.22 10.01
CA GLN A 72 -2.90 40.07 8.82
C GLN A 72 -4.18 39.78 8.05
N ILE A 73 -4.95 40.84 7.76
CA ILE A 73 -6.19 40.65 7.04
C ILE A 73 -6.08 41.27 5.66
N VAL A 74 -6.06 40.40 4.66
CA VAL A 74 -5.91 40.86 3.29
C VAL A 74 -7.26 40.86 2.68
N GLN A 75 -7.81 42.04 2.48
CA GLN A 75 -9.17 42.18 2.01
C GLN A 75 -9.24 42.06 0.51
N ALA A 76 -10.45 41.82 0.00
CA ALA A 76 -10.63 41.76 -1.44
C ALA A 76 -10.03 43.01 -2.07
N GLY A 77 -9.27 42.82 -3.14
CA GLY A 77 -8.58 43.92 -3.80
C GLY A 77 -7.24 44.22 -3.17
N GLY A 78 -6.97 43.62 -2.02
CA GLY A 78 -5.70 43.79 -1.36
C GLY A 78 -4.66 42.78 -1.80
N THR A 79 -3.39 43.12 -1.60
CA THR A 79 -2.30 42.27 -2.03
C THR A 79 -1.29 42.14 -0.92
N ALA A 80 -0.84 40.91 -0.67
CA ALA A 80 0.22 40.66 0.31
C ALA A 80 1.33 39.90 -0.38
N SER A 81 2.57 40.27 -0.09
CA SER A 81 3.71 39.72 -0.78
C SER A 81 4.86 39.45 0.22
N ASP A 82 5.46 38.27 0.12
CA ASP A 82 6.60 37.87 0.95
C ASP A 82 6.23 37.91 2.43
N THR A 83 5.08 37.34 2.76
CA THR A 83 4.64 37.31 4.13
C THR A 83 5.20 36.09 4.83
N VAL A 84 5.83 36.32 5.99
CA VAL A 84 6.26 35.26 6.88
C VAL A 84 5.28 35.17 8.06
N ILE A 85 4.69 33.99 8.24
CA ILE A 85 3.70 33.77 9.28
C ILE A 85 4.16 32.60 10.13
N ARG A 86 4.49 32.89 11.39
CA ARG A 86 5.01 31.86 12.28
C ARG A 86 4.28 31.80 13.62
N ASP A 87 4.57 30.72 14.35
CA ASP A 87 4.19 30.55 15.74
C ASP A 87 2.71 30.70 16.02
N GLY A 88 1.89 30.28 15.05
CA GLY A 88 0.45 30.28 15.23
C GLY A 88 -0.21 31.59 14.82
N GLY A 89 0.59 32.54 14.34
CA GLY A 89 0.04 33.72 13.70
C GLY A 89 -0.81 33.34 12.50
N GLY A 90 -1.55 34.30 11.95
CA GLY A 90 -2.44 33.97 10.86
C GLY A 90 -2.64 35.10 9.87
N GLN A 91 -2.92 34.72 8.62
CA GLN A 91 -3.38 35.69 7.62
C GLN A 91 -4.74 35.27 7.11
N SER A 92 -5.70 36.20 7.17
CA SER A 92 -7.06 35.97 6.65
C SER A 92 -7.13 36.54 5.24
N LEU A 93 -7.36 35.67 4.27
CA LEU A 93 -7.12 36.05 2.88
C LEU A 93 -8.41 36.14 2.07
N ASN A 94 -8.81 37.37 1.76
CA ASN A 94 -9.91 37.60 0.84
C ASN A 94 -9.40 38.20 -0.46
N GLY A 95 -8.14 38.64 -0.42
CA GLY A 95 -7.49 39.19 -1.60
C GLY A 95 -6.46 38.25 -2.19
N LEU A 96 -5.31 38.80 -2.53
CA LEU A 96 -4.24 38.05 -3.16
C LEU A 96 -3.04 38.02 -2.24
N ALA A 97 -2.49 36.83 -2.04
CA ALA A 97 -1.20 36.71 -1.35
C ALA A 97 -0.21 35.98 -2.23
N VAL A 98 1.00 36.52 -2.34
CA VAL A 98 2.03 35.89 -3.15
C VAL A 98 3.27 35.55 -2.32
N ASN A 99 3.74 34.33 -2.47
CA ASN A 99 4.95 33.86 -1.79
C ASN A 99 4.91 34.01 -0.28
N THR A 100 3.85 33.46 0.30
CA THR A 100 3.71 33.38 1.73
C THR A 100 4.53 32.18 2.25
N THR A 101 5.08 32.31 3.45
CA THR A 101 5.71 31.18 4.10
C THR A 101 5.06 30.93 5.46
N LEU A 102 4.65 29.69 5.70
CA LEU A 102 4.08 29.32 6.99
C LEU A 102 5.07 28.41 7.70
N ASP A 103 5.54 28.83 8.86
N ASP A 103 5.51 28.82 8.88
CA ASP A 103 6.39 27.99 9.70
CA ASP A 103 6.39 27.99 9.71
C ASP A 103 5.73 27.85 11.08
C ASP A 103 5.77 27.88 11.10
N ASN A 104 6.06 26.78 11.78
CA ASN A 104 5.62 26.59 13.17
C ASN A 104 4.19 26.96 13.50
N ARG A 105 3.26 26.32 12.79
CA ARG A 105 1.83 26.46 13.02
C ARG A 105 1.25 27.79 12.54
N GLY A 106 2.03 28.53 11.76
CA GLY A 106 1.54 29.70 11.06
C GLY A 106 0.39 29.28 10.15
N GLU A 107 -0.63 30.11 10.07
CA GLU A 107 -1.83 29.76 9.34
C GLU A 107 -2.18 30.77 8.27
N GLN A 108 -2.80 30.25 7.21
CA GLN A 108 -3.34 31.07 6.15
C GLN A 108 -4.72 30.53 5.83
N TRP A 109 -5.75 31.35 6.03
CA TRP A 109 -7.10 30.98 5.67
C TRP A 109 -7.48 31.68 4.39
N VAL A 110 -7.67 30.90 3.34
CA VAL A 110 -8.04 31.42 2.03
C VAL A 110 -9.55 31.40 1.90
N HIS A 111 -10.17 32.58 2.01
CA HIS A 111 -11.62 32.68 1.94
C HIS A 111 -12.13 32.74 0.51
N GLY A 112 -13.45 32.67 0.35
CA GLY A 112 -14.08 32.85 -0.95
C GLY A 112 -13.56 34.06 -1.71
N GLY A 113 -13.09 33.84 -2.93
CA GLY A 113 -12.53 34.92 -3.73
C GLY A 113 -11.07 35.22 -3.49
N GLY A 114 -10.55 34.73 -2.38
CA GLY A 114 -9.14 34.88 -2.07
C GLY A 114 -8.28 33.98 -2.91
N LYS A 115 -7.03 34.40 -3.11
CA LYS A 115 -6.07 33.62 -3.90
C LYS A 115 -4.67 33.61 -3.28
N ALA A 116 -4.23 32.42 -2.86
CA ALA A 116 -2.87 32.22 -2.35
C ALA A 116 -1.97 31.58 -3.39
N ALA A 117 -1.00 32.36 -3.86
CA ALA A 117 -0.07 31.87 -4.87
C ALA A 117 1.31 31.62 -4.26
N GLY A 118 1.84 30.43 -4.44
CA GLY A 118 3.18 30.13 -3.94
C GLY A 118 3.39 30.10 -2.42
N THR A 119 2.39 29.64 -1.67
CA THR A 119 2.57 29.43 -0.23
C THR A 119 3.45 28.20 0.00
N ILE A 120 4.45 28.35 0.85
CA ILE A 120 5.23 27.19 1.28
C ILE A 120 4.81 26.88 2.71
N ILE A 121 4.42 25.64 2.94
CA ILE A 121 3.94 25.24 4.25
C ILE A 121 4.98 24.37 4.93
N ASN A 122 5.67 24.95 5.90
CA ASN A 122 6.71 24.23 6.62
C ASN A 122 6.25 23.85 8.02
N GLN A 123 6.91 22.86 8.60
CA GLN A 123 6.85 22.57 10.04
C GLN A 123 5.53 22.94 10.73
N ASP A 124 4.50 22.13 10.51
CA ASP A 124 3.20 22.32 11.16
C ASP A 124 2.40 23.56 10.77
N GLY A 125 2.88 24.30 9.78
CA GLY A 125 2.06 25.31 9.15
C GLY A 125 0.77 24.71 8.64
N TYR A 126 -0.20 25.57 8.35
CA TYR A 126 -1.53 25.13 8.01
C TYR A 126 -2.18 26.12 7.06
N GLN A 127 -2.45 25.67 5.83
CA GLN A 127 -3.21 26.48 4.90
C GLN A 127 -4.56 25.81 4.66
N THR A 128 -5.62 26.57 4.90
CA THR A 128 -7.00 26.10 4.69
C THR A 128 -7.58 26.88 3.55
N ILE A 129 -8.07 26.18 2.54
CA ILE A 129 -8.74 26.84 1.43
C ILE A 129 -10.23 26.60 1.56
N LYS A 130 -10.97 27.65 1.91
CA LYS A 130 -12.41 27.52 2.09
C LYS A 130 -13.08 27.47 0.74
N HIS A 131 -14.38 27.18 0.75
CA HIS A 131 -15.21 27.24 -0.46
C HIS A 131 -14.94 28.52 -1.23
N GLY A 132 -14.78 28.40 -2.55
CA GLY A 132 -14.49 29.53 -3.40
C GLY A 132 -13.08 30.06 -3.28
N GLY A 133 -12.28 29.48 -2.40
CA GLY A 133 -10.90 29.90 -2.23
C GLY A 133 -10.02 29.27 -3.29
N LEU A 134 -8.86 29.87 -3.57
CA LEU A 134 -7.94 29.31 -4.55
C LEU A 134 -6.50 29.35 -4.06
N ALA A 135 -5.78 28.24 -4.26
CA ALA A 135 -4.33 28.23 -4.03
C ALA A 135 -3.60 27.71 -5.27
N THR A 136 -2.57 28.42 -5.69
CA THR A 136 -1.75 27.93 -6.78
C THR A 136 -0.30 27.82 -6.31
N GLY A 137 0.44 26.89 -6.92
CA GLY A 137 1.86 26.76 -6.65
C GLY A 137 2.17 26.47 -5.20
N THR A 138 1.29 25.77 -4.50
CA THR A 138 1.54 25.49 -3.10
C THR A 138 2.59 24.40 -2.96
N ILE A 139 3.57 24.65 -2.10
CA ILE A 139 4.59 23.67 -1.74
C ILE A 139 4.28 23.19 -0.33
N VAL A 140 3.97 21.91 -0.19
CA VAL A 140 3.53 21.35 1.08
C VAL A 140 4.61 20.46 1.69
N ASN A 141 5.20 20.94 2.79
CA ASN A 141 6.38 20.29 3.39
C ASN A 141 6.10 19.66 4.75
N THR A 142 4.82 19.59 5.11
CA THR A 142 4.48 19.20 6.46
C THR A 142 3.06 18.69 6.48
N GLY A 143 2.70 18.01 7.57
CA GLY A 143 1.36 17.49 7.75
C GLY A 143 1.24 15.98 7.71
N ALA A 144 2.26 15.29 7.23
CA ALA A 144 2.23 13.82 7.16
C ALA A 144 3.11 13.13 8.20
N GLU A 145 3.79 13.93 9.03
CA GLU A 145 4.69 13.37 10.07
C GLU A 145 3.94 12.48 11.07
N SER A 154 -4.68 18.98 11.07
CA SER A 154 -4.35 20.21 11.80
C SER A 154 -3.15 20.94 11.21
N SER A 155 -2.50 20.31 10.21
CA SER A 155 -1.37 20.88 9.50
C SER A 155 -1.29 20.39 8.04
N GLY A 156 -0.51 21.09 7.21
CA GLY A 156 -0.48 20.76 5.79
C GLY A 156 -1.44 21.66 5.05
N GLN A 157 -2.03 21.16 3.97
CA GLN A 157 -2.99 21.94 3.20
C GLN A 157 -4.33 21.26 3.22
N MET A 158 -5.38 22.01 3.55
CA MET A 158 -6.74 21.50 3.46
C MET A 158 -7.47 22.19 2.34
N VAL A 159 -8.13 21.40 1.50
CA VAL A 159 -8.78 21.95 0.33
C VAL A 159 -10.29 21.79 0.37
N GLY A 160 -10.97 22.89 0.66
CA GLY A 160 -12.41 22.94 0.57
C GLY A 160 -12.80 23.68 -0.69
N GLY A 161 -11.89 24.52 -1.16
CA GLY A 161 -12.04 25.21 -2.41
C GLY A 161 -11.24 24.54 -3.52
N THR A 162 -10.28 25.28 -4.10
CA THR A 162 -9.52 24.76 -5.21
C THR A 162 -8.01 24.94 -5.02
N ALA A 163 -7.28 23.87 -5.29
CA ALA A 163 -5.82 23.93 -5.27
C ALA A 163 -5.29 23.53 -6.64
N GLU A 164 -4.41 24.36 -7.19
CA GLU A 164 -3.80 24.08 -8.49
C GLU A 164 -2.29 24.06 -8.38
N SER A 165 -1.66 23.16 -9.13
CA SER A 165 -0.21 23.11 -9.26
C SER A 165 0.45 23.00 -7.90
N THR A 166 0.05 21.96 -7.17
CA THR A 166 0.58 21.72 -5.85
C THR A 166 1.72 20.72 -5.93
N THR A 167 2.79 20.98 -5.19
CA THR A 167 3.80 19.97 -4.94
C THR A 167 3.73 19.53 -3.50
N ILE A 168 3.61 18.23 -3.27
CA ILE A 168 3.65 17.68 -1.93
C ILE A 168 4.96 16.93 -1.74
N ASN A 169 5.85 17.50 -0.94
CA ASN A 169 7.14 16.85 -0.67
C ASN A 169 7.07 15.84 0.47
N LYS A 170 8.22 15.26 0.82
CA LYS A 170 8.30 14.36 1.96
C LYS A 170 7.70 15.03 3.19
N ASN A 171 6.88 14.28 3.93
CA ASN A 171 6.18 14.78 5.12
C ASN A 171 5.00 15.70 4.85
N GLY A 172 4.74 16.00 3.58
CA GLY A 172 3.62 16.87 3.25
C GLY A 172 2.30 16.13 3.18
N ARG A 173 1.24 16.78 3.62
CA ARG A 173 -0.09 16.21 3.50
CA ARG A 173 -0.09 16.21 3.50
C ARG A 173 -1.07 17.22 2.92
N GLN A 174 -1.87 16.76 1.96
CA GLN A 174 -2.96 17.56 1.42
C GLN A 174 -4.26 16.77 1.61
N VAL A 175 -5.23 17.38 2.28
CA VAL A 175 -6.53 16.75 2.45
C VAL A 175 -7.53 17.48 1.58
N ILE A 176 -8.23 16.76 0.73
CA ILE A 176 -9.28 17.37 -0.07
C ILE A 176 -10.63 17.05 0.53
N TRP A 177 -11.28 18.03 1.12
N TRP A 177 -11.28 18.03 1.11
CA TRP A 177 -12.61 17.86 1.67
CA TRP A 177 -12.61 17.80 1.69
C TRP A 177 -13.56 17.47 0.55
C TRP A 177 -13.58 17.51 0.56
N SER A 178 -14.73 16.93 0.90
CA SER A 178 -15.69 16.45 -0.10
C SER A 178 -16.11 17.52 -1.12
N SER A 179 -16.10 18.78 -0.70
CA SER A 179 -16.46 19.87 -1.60
C SER A 179 -15.25 20.36 -2.40
N GLY A 180 -14.07 19.94 -1.98
CA GLY A 180 -12.85 20.49 -2.54
C GLY A 180 -12.40 19.87 -3.85
N MET A 181 -11.49 20.56 -4.53
CA MET A 181 -10.91 20.03 -5.75
C MET A 181 -9.42 20.35 -5.88
N ALA A 182 -8.62 19.32 -6.15
CA ALA A 182 -7.19 19.54 -6.41
C ALA A 182 -6.82 19.20 -7.84
N ARG A 183 -6.29 20.18 -8.55
CA ARG A 183 -5.86 19.95 -9.92
C ARG A 183 -4.35 20.07 -10.08
N ASP A 184 -3.76 19.11 -10.79
CA ASP A 184 -2.31 19.08 -11.07
C ASP A 184 -1.52 19.03 -9.78
N THR A 185 -1.39 17.84 -9.23
CA THR A 185 -0.71 17.68 -7.96
C THR A 185 0.47 16.74 -8.16
N LEU A 186 1.64 17.16 -7.70
CA LEU A 186 2.84 16.32 -7.76
C LEU A 186 3.19 15.81 -6.37
N ILE A 187 3.25 14.50 -6.21
CA ILE A 187 3.48 13.94 -4.87
C ILE A 187 4.73 13.05 -4.82
N TYR A 188 5.73 13.48 -4.05
CA TYR A 188 6.97 12.72 -3.92
C TYR A 188 6.88 11.67 -2.81
N ALA A 189 7.91 10.82 -2.77
CA ALA A 189 8.05 9.82 -1.72
C ALA A 189 7.87 10.48 -0.36
N GLY A 190 7.00 9.91 0.48
CA GLY A 190 6.75 10.42 1.81
C GLY A 190 5.72 11.55 1.90
N GLY A 191 5.08 11.87 0.76
CA GLY A 191 3.95 12.77 0.77
C GLY A 191 2.64 12.05 0.48
N ASP A 192 1.54 12.62 0.98
CA ASP A 192 0.23 11.98 0.96
C ASP A 192 -0.81 12.99 0.51
N GLN A 193 -1.78 12.50 -0.27
CA GLN A 193 -3.00 13.25 -0.53
C GLN A 193 -4.19 12.34 -0.20
N THR A 194 -5.10 12.88 0.60
CA THR A 194 -6.29 12.17 1.02
C THR A 194 -7.44 12.83 0.30
N VAL A 195 -8.21 12.03 -0.43
CA VAL A 195 -9.26 12.58 -1.28
C VAL A 195 -10.66 12.24 -0.80
N HIS A 196 -11.36 13.23 -0.23
CA HIS A 196 -12.79 13.08 0.01
C HIS A 196 -13.56 13.75 -1.11
N GLY A 197 -12.91 14.72 -1.76
CA GLY A 197 -13.53 15.47 -2.84
C GLY A 197 -13.09 14.96 -4.20
N GLU A 198 -12.54 15.87 -5.01
CA GLU A 198 -12.01 15.50 -6.32
C GLU A 198 -10.51 15.78 -6.48
N ALA A 199 -9.79 14.83 -7.07
CA ALA A 199 -8.41 15.05 -7.47
C ALA A 199 -8.24 14.78 -8.96
N HIS A 200 -7.83 15.81 -9.70
N HIS A 200 -7.78 15.78 -9.69
CA HIS A 200 -7.62 15.70 -11.13
CA HIS A 200 -7.67 15.73 -11.16
C HIS A 200 -6.14 15.86 -11.44
C HIS A 200 -6.19 15.92 -11.55
N ASN A 201 -5.61 14.93 -12.23
CA ASN A 201 -4.22 14.98 -12.69
C ASN A 201 -3.20 14.98 -11.55
N THR A 202 -2.97 13.82 -11.00
CA THR A 202 -2.07 13.67 -9.88
C THR A 202 -0.94 12.75 -10.30
N ARG A 203 0.28 13.21 -10.06
CA ARG A 203 1.45 12.46 -10.42
C ARG A 203 2.09 11.92 -9.14
N LEU A 204 2.07 10.62 -8.96
CA LEU A 204 2.67 10.04 -7.77
C LEU A 204 4.11 9.68 -8.08
N GLU A 205 5.01 10.61 -7.78
CA GLU A 205 6.44 10.41 -7.98
C GLU A 205 7.02 9.77 -6.72
N GLY A 206 6.53 8.58 -6.39
CA GLY A 206 6.89 7.91 -5.15
C GLY A 206 5.90 8.15 -4.03
N GLY A 207 4.99 9.09 -4.25
CA GLY A 207 4.04 9.47 -3.22
C GLY A 207 2.76 8.65 -3.17
N ASN A 208 1.89 9.00 -2.23
CA ASN A 208 0.66 8.24 -1.99
C ASN A 208 -0.58 9.08 -2.22
N GLN A 209 -1.60 8.46 -2.78
CA GLN A 209 -2.91 9.08 -2.86
C GLN A 209 -3.96 8.12 -2.32
N TYR A 210 -4.71 8.58 -1.32
CA TYR A 210 -5.77 7.79 -0.70
C TYR A 210 -7.13 8.38 -1.05
N VAL A 211 -7.91 7.60 -1.78
CA VAL A 211 -9.22 8.03 -2.20
C VAL A 211 -10.23 7.39 -1.27
N HIS A 212 -10.85 8.23 -0.45
CA HIS A 212 -11.81 7.77 0.52
C HIS A 212 -13.21 7.66 -0.07
N ASN A 213 -14.10 7.05 0.71
CA ASN A 213 -15.51 6.92 0.38
C ASN A 213 -16.10 8.25 -0.11
N GLY A 214 -16.70 8.24 -1.30
CA GLY A 214 -17.26 9.44 -1.89
C GLY A 214 -16.24 10.31 -2.63
N GLY A 215 -14.96 9.95 -2.53
CA GLY A 215 -13.94 10.71 -3.23
C GLY A 215 -13.72 10.18 -4.64
N THR A 216 -13.24 11.05 -5.52
CA THR A 216 -12.97 10.65 -6.90
C THR A 216 -11.61 11.18 -7.34
N ALA A 217 -10.80 10.31 -7.94
CA ALA A 217 -9.52 10.71 -8.52
C ALA A 217 -9.48 10.39 -10.01
N THR A 218 -9.23 11.40 -10.82
CA THR A 218 -9.13 11.21 -12.26
C THR A 218 -7.71 11.50 -12.75
N GLU A 219 -7.24 10.67 -13.67
CA GLU A 219 -5.90 10.82 -14.25
C GLU A 219 -4.81 10.81 -13.19
N THR A 220 -4.78 9.78 -12.37
CA THR A 220 -3.67 9.61 -11.46
C THR A 220 -2.57 8.85 -12.20
N LEU A 221 -1.37 9.41 -12.16
CA LEU A 221 -0.24 8.82 -12.81
C LEU A 221 0.71 8.27 -11.74
N ILE A 222 0.83 6.94 -11.70
CA ILE A 222 1.58 6.29 -10.63
C ILE A 222 2.96 5.90 -11.13
N ASN A 223 3.95 6.72 -10.83
CA ASN A 223 5.30 6.39 -11.21
C ASN A 223 5.94 5.48 -10.15
N ARG A 224 7.23 5.19 -10.32
CA ARG A 224 7.93 4.27 -9.44
C ARG A 224 7.72 4.53 -7.94
N ASP A 225 7.38 3.47 -7.22
CA ASP A 225 7.12 3.52 -5.78
C ASP A 225 5.87 4.30 -5.39
N GLY A 226 5.17 4.84 -6.39
CA GLY A 226 3.89 5.48 -6.16
C GLY A 226 2.84 4.48 -5.70
N TRP A 227 1.85 4.98 -4.99
CA TRP A 227 0.82 4.13 -4.44
C TRP A 227 -0.53 4.85 -4.48
N GLN A 228 -1.45 4.38 -5.32
CA GLN A 228 -2.80 4.90 -5.31
C GLN A 228 -3.74 3.90 -4.62
N VAL A 229 -4.44 4.35 -3.58
CA VAL A 229 -5.28 3.46 -2.79
C VAL A 229 -6.72 3.88 -2.91
N ILE A 230 -7.56 2.98 -3.44
CA ILE A 230 -8.99 3.26 -3.53
C ILE A 230 -9.74 2.50 -2.44
N LYS A 231 -10.17 3.24 -1.41
CA LYS A 231 -10.92 2.65 -0.32
C LYS A 231 -12.34 2.30 -0.75
N GLU A 232 -13.07 1.61 0.12
CA GLU A 232 -14.48 1.30 -0.16
C GLU A 232 -15.29 2.59 -0.40
N GLY A 233 -16.00 2.64 -1.52
CA GLY A 233 -16.78 3.80 -1.85
C GLY A 233 -15.99 4.88 -2.59
N GLY A 234 -14.69 4.64 -2.76
CA GLY A 234 -13.85 5.53 -3.54
C GLY A 234 -13.87 5.17 -5.02
N THR A 235 -13.55 6.15 -5.86
CA THR A 235 -13.58 5.95 -7.30
C THR A 235 -12.33 6.50 -7.93
N ALA A 236 -11.79 5.75 -8.88
CA ALA A 236 -10.70 6.25 -9.72
C ALA A 236 -11.05 6.01 -11.18
N ALA A 237 -10.73 6.97 -12.02
CA ALA A 237 -10.90 6.81 -13.47
C ALA A 237 -9.65 7.32 -14.15
N HIS A 238 -9.14 6.54 -15.10
CA HIS A 238 -7.94 6.90 -15.86
C HIS A 238 -6.70 6.88 -15.00
N THR A 239 -6.43 5.75 -14.38
CA THR A 239 -5.19 5.58 -13.67
C THR A 239 -4.19 4.97 -14.63
N THR A 240 -2.95 5.41 -14.52
CA THR A 240 -1.87 4.78 -15.24
C THR A 240 -0.90 4.28 -14.20
N ILE A 241 -0.59 2.99 -14.25
CA ILE A 241 0.37 2.40 -13.34
C ILE A 241 1.64 2.14 -14.13
N ASN A 242 2.71 2.83 -13.78
CA ASN A 242 3.99 2.55 -14.42
C ASN A 242 4.82 1.52 -13.68
N GLN A 243 5.99 1.21 -14.21
CA GLN A 243 6.84 0.19 -13.61
C GLN A 243 7.10 0.49 -12.13
N LYS A 244 6.77 -0.48 -11.28
CA LYS A 244 6.99 -0.38 -9.82
C LYS A 244 6.12 0.64 -9.09
N GLY A 245 5.11 1.17 -9.79
CA GLY A 245 4.02 1.87 -9.13
C GLY A 245 2.97 0.85 -8.75
N LYS A 246 2.11 1.21 -7.82
CA LYS A 246 1.10 0.26 -7.39
C LYS A 246 -0.27 0.91 -7.26
N LEU A 247 -1.26 0.30 -7.90
CA LEU A 247 -2.64 0.67 -7.66
C LEU A 247 -3.28 -0.40 -6.78
N GLN A 248 -3.95 0.03 -5.72
CA GLN A 248 -4.62 -0.88 -4.82
C GLN A 248 -6.09 -0.49 -4.68
N VAL A 249 -6.97 -1.41 -5.06
CA VAL A 249 -8.41 -1.16 -5.00
C VAL A 249 -9.05 -2.10 -3.99
N ASN A 250 -9.47 -1.54 -2.84
CA ASN A 250 -10.07 -2.37 -1.80
C ASN A 250 -11.45 -2.84 -2.19
N ALA A 251 -11.96 -3.77 -1.40
CA ALA A 251 -13.35 -4.20 -1.49
C ALA A 251 -14.29 -3.01 -1.55
N GLY A 252 -15.20 -3.02 -2.53
CA GLY A 252 -16.15 -1.94 -2.70
C GLY A 252 -15.57 -0.66 -3.29
N GLY A 253 -14.30 -0.70 -3.69
CA GLY A 253 -13.70 0.43 -4.36
C GLY A 253 -13.85 0.26 -5.86
N LYS A 254 -13.70 1.34 -6.61
CA LYS A 254 -13.82 1.24 -8.06
C LYS A 254 -12.70 1.97 -8.80
N ALA A 255 -12.17 1.35 -9.84
CA ALA A 255 -11.19 1.97 -10.71
C ALA A 255 -11.46 1.53 -12.13
N SER A 256 -11.76 2.48 -13.00
CA SER A 256 -11.99 2.21 -14.40
C SER A 256 -10.92 2.88 -15.27
N ASP A 257 -10.74 2.35 -16.48
CA ASP A 257 -9.78 2.87 -17.45
C ASP A 257 -8.38 2.88 -16.86
N VAL A 258 -8.05 1.77 -16.19
CA VAL A 258 -6.73 1.59 -15.64
C VAL A 258 -5.82 1.15 -16.77
N THR A 259 -4.79 1.95 -17.05
CA THR A 259 -3.76 1.54 -17.98
C THR A 259 -2.60 1.03 -17.16
N GLN A 260 -2.45 -0.29 -17.15
CA GLN A 260 -1.43 -0.94 -16.36
C GLN A 260 -0.26 -1.31 -17.26
N ASN A 261 0.81 -0.52 -17.19
CA ASN A 261 2.00 -0.78 -17.98
C ASN A 261 2.83 -1.88 -17.38
N THR A 262 3.79 -2.37 -18.16
CA THR A 262 4.63 -3.49 -17.73
C THR A 262 5.33 -3.18 -16.42
N GLY A 263 5.25 -4.12 -15.49
CA GLY A 263 5.87 -3.95 -14.20
C GLY A 263 4.98 -3.17 -13.23
N GLY A 264 3.82 -2.75 -13.70
CA GLY A 264 2.87 -2.05 -12.83
C GLY A 264 2.21 -3.04 -11.89
N ALA A 265 2.11 -2.67 -10.61
CA ALA A 265 1.49 -3.55 -9.61
C ALA A 265 0.02 -3.23 -9.40
N LEU A 266 -0.82 -4.26 -9.49
CA LEU A 266 -2.24 -4.12 -9.15
C LEU A 266 -2.54 -5.00 -7.96
N VAL A 267 -3.06 -4.39 -6.91
CA VAL A 267 -3.42 -5.11 -5.70
C VAL A 267 -4.92 -4.97 -5.48
N THR A 268 -5.64 -6.08 -5.54
CA THR A 268 -7.09 -6.02 -5.40
C THR A 268 -7.68 -7.40 -5.10
N SER A 269 -9.01 -7.48 -5.15
CA SER A 269 -9.67 -8.75 -4.92
C SER A 269 -10.96 -8.78 -5.72
N THR A 270 -11.70 -9.88 -5.61
CA THR A 270 -12.89 -10.08 -6.41
C THR A 270 -14.04 -9.25 -5.86
N ALA A 271 -13.82 -8.64 -4.69
CA ALA A 271 -14.82 -7.75 -4.10
C ALA A 271 -14.66 -6.29 -4.56
N ALA A 272 -13.71 -6.04 -5.44
CA ALA A 272 -13.50 -4.69 -5.98
C ALA A 272 -13.93 -4.61 -7.44
N THR A 273 -14.01 -3.39 -7.96
CA THR A 273 -14.29 -3.19 -9.38
C THR A 273 -13.10 -2.52 -10.06
N VAL A 274 -12.48 -3.21 -11.02
CA VAL A 274 -11.32 -2.69 -11.70
C VAL A 274 -11.40 -3.05 -13.17
N THR A 275 -11.37 -2.06 -14.06
CA THR A 275 -11.33 -2.34 -15.49
C THR A 275 -10.22 -1.54 -16.19
N GLY A 276 -9.62 -2.13 -17.22
CA GLY A 276 -8.67 -1.42 -18.05
C GLY A 276 -7.92 -2.29 -19.03
N THR A 277 -6.66 -1.93 -19.28
CA THR A 277 -5.78 -2.72 -20.13
C THR A 277 -4.45 -2.93 -19.47
N ASN A 278 -3.87 -4.10 -19.65
CA ASN A 278 -2.51 -4.30 -19.23
C ASN A 278 -1.71 -4.72 -20.44
N ARG A 279 -0.51 -5.24 -20.22
CA ARG A 279 0.37 -5.59 -21.32
C ARG A 279 -0.14 -6.82 -22.08
N LEU A 280 -1.22 -7.41 -21.60
CA LEU A 280 -1.80 -8.56 -22.28
C LEU A 280 -3.17 -8.25 -22.85
N GLY A 281 -3.61 -7.01 -22.73
CA GLY A 281 -4.88 -6.59 -23.30
C GLY A 281 -5.89 -6.19 -22.25
N ALA A 282 -7.15 -6.19 -22.61
CA ALA A 282 -8.23 -5.85 -21.70
C ALA A 282 -8.25 -6.81 -20.53
N PHE A 283 -8.63 -6.30 -19.37
CA PHE A 283 -8.78 -7.11 -18.17
C PHE A 283 -9.86 -6.46 -17.34
N SER A 284 -10.44 -7.24 -16.43
CA SER A 284 -11.52 -6.75 -15.61
C SER A 284 -11.66 -7.53 -14.33
N VAL A 285 -12.08 -6.83 -13.29
CA VAL A 285 -12.56 -7.44 -12.06
C VAL A 285 -13.91 -6.78 -11.89
N VAL A 286 -14.96 -7.52 -12.20
CA VAL A 286 -16.32 -7.00 -12.20
C VAL A 286 -17.30 -8.01 -11.59
N ALA A 287 -18.08 -7.55 -10.63
CA ALA A 287 -19.17 -8.32 -10.03
C ALA A 287 -18.72 -9.72 -9.61
N GLY A 288 -17.58 -9.77 -8.93
CA GLY A 288 -17.09 -11.01 -8.38
C GLY A 288 -16.28 -11.85 -9.35
N LYS A 289 -16.05 -11.33 -10.55
CA LYS A 289 -15.34 -12.11 -11.57
C LYS A 289 -14.13 -11.36 -12.16
N ALA A 290 -12.98 -12.02 -12.14
CA ALA A 290 -11.75 -11.45 -12.72
C ALA A 290 -11.37 -12.14 -14.03
N ASP A 291 -10.85 -11.36 -14.97
CA ASP A 291 -10.34 -11.93 -16.21
C ASP A 291 -9.13 -11.16 -16.73
N ASN A 292 -8.07 -11.90 -17.08
N ASN A 292 -8.07 -11.90 -17.08
CA ASN A 292 -6.83 -11.36 -17.66
CA ASN A 292 -6.85 -11.34 -17.66
C ASN A 292 -6.05 -10.43 -16.72
C ASN A 292 -6.04 -10.45 -16.72
N VAL A 293 -6.19 -10.65 -15.42
CA VAL A 293 -5.42 -9.92 -14.46
C VAL A 293 -3.94 -10.32 -14.58
N VAL A 294 -3.06 -9.33 -14.68
CA VAL A 294 -1.63 -9.60 -14.71
C VAL A 294 -1.04 -9.11 -13.40
N LEU A 295 -0.30 -9.98 -12.74
CA LEU A 295 0.20 -9.73 -11.39
C LEU A 295 1.71 -9.83 -11.32
N GLU A 296 2.37 -8.70 -11.14
CA GLU A 296 3.83 -8.69 -10.98
C GLU A 296 4.26 -7.54 -10.08
N ASN A 297 5.49 -7.59 -9.58
CA ASN A 297 6.09 -6.46 -8.85
C ASN A 297 5.32 -6.01 -7.63
N GLY A 298 4.75 -6.94 -6.90
CA GLY A 298 3.96 -6.57 -5.74
C GLY A 298 2.48 -6.67 -6.02
N GLY A 299 2.12 -6.88 -7.29
CA GLY A 299 0.73 -7.11 -7.65
C GLY A 299 0.16 -8.30 -6.90
N ARG A 300 -1.13 -8.27 -6.63
CA ARG A 300 -1.78 -9.34 -5.89
C ARG A 300 -3.27 -9.34 -6.11
N LEU A 301 -3.83 -10.54 -6.33
CA LEU A 301 -5.27 -10.72 -6.50
C LEU A 301 -5.76 -11.77 -5.51
N ASP A 302 -6.70 -11.38 -4.66
CA ASP A 302 -7.33 -12.33 -3.75
C ASP A 302 -8.64 -12.77 -4.37
N VAL A 303 -8.76 -14.07 -4.62
CA VAL A 303 -10.03 -14.61 -5.11
C VAL A 303 -10.80 -15.16 -3.93
N LEU A 304 -11.86 -14.44 -3.56
CA LEU A 304 -12.63 -14.76 -2.38
C LEU A 304 -13.60 -15.91 -2.62
N SER A 305 -14.11 -16.45 -1.52
CA SER A 305 -15.04 -17.56 -1.57
C SER A 305 -16.25 -17.24 -2.45
N GLY A 306 -16.51 -18.10 -3.43
CA GLY A 306 -17.66 -17.94 -4.29
C GLY A 306 -17.34 -17.17 -5.57
N HIS A 307 -16.09 -16.78 -5.73
CA HIS A 307 -15.71 -15.95 -6.86
C HIS A 307 -14.68 -16.59 -7.77
N THR A 308 -14.45 -15.96 -8.91
CA THR A 308 -13.71 -16.62 -9.99
C THR A 308 -12.73 -15.67 -10.66
N ALA A 309 -11.56 -16.21 -11.03
CA ALA A 309 -10.62 -15.50 -11.88
C ALA A 309 -10.19 -16.40 -13.03
N THR A 310 -10.21 -15.85 -14.25
CA THR A 310 -9.76 -16.60 -15.41
C THR A 310 -8.57 -15.88 -16.07
N ASN A 311 -7.66 -16.65 -16.67
CA ASN A 311 -6.52 -16.08 -17.40
C ASN A 311 -5.65 -15.16 -16.53
N THR A 312 -5.37 -15.56 -15.29
CA THR A 312 -4.51 -14.76 -14.44
C THR A 312 -3.06 -15.08 -14.73
N ARG A 313 -2.29 -14.05 -15.05
CA ARG A 313 -0.85 -14.21 -15.23
C ARG A 313 -0.12 -13.82 -13.93
N VAL A 314 0.63 -14.75 -13.34
CA VAL A 314 1.32 -14.46 -12.10
C VAL A 314 2.82 -14.48 -12.31
N ASP A 315 3.41 -13.29 -12.44
CA ASP A 315 4.82 -13.17 -12.74
C ASP A 315 5.65 -12.72 -11.57
N ASP A 316 6.88 -12.33 -11.89
CA ASP A 316 7.88 -12.05 -10.87
C ASP A 316 7.39 -11.03 -9.86
N GLY A 317 7.18 -11.47 -8.63
CA GLY A 317 6.72 -10.60 -7.57
C GLY A 317 5.20 -10.51 -7.50
N GLY A 318 4.52 -11.22 -8.38
CA GLY A 318 3.08 -11.31 -8.33
C GLY A 318 2.58 -12.39 -7.36
N THR A 319 1.44 -12.13 -6.75
CA THR A 319 0.81 -13.08 -5.84
C THR A 319 -0.65 -13.34 -6.20
N LEU A 320 -0.99 -14.61 -6.37
CA LEU A 320 -2.39 -15.01 -6.54
C LEU A 320 -2.82 -15.83 -5.33
N ASP A 321 -3.85 -15.36 -4.65
CA ASP A 321 -4.33 -16.00 -3.43
C ASP A 321 -5.77 -16.48 -3.62
N ILE A 322 -5.94 -17.78 -3.76
CA ILE A 322 -7.27 -18.36 -3.92
C ILE A 322 -7.78 -18.91 -2.61
N ARG A 323 -8.80 -18.24 -2.06
CA ARG A 323 -9.38 -18.64 -0.80
C ARG A 323 -10.16 -19.94 -0.95
N ASN A 324 -10.51 -20.53 0.18
CA ASN A 324 -11.41 -21.64 0.21
C ASN A 324 -12.70 -21.23 -0.48
N GLY A 325 -13.13 -22.01 -1.46
CA GLY A 325 -14.39 -21.74 -2.13
C GLY A 325 -14.25 -20.76 -3.28
N GLY A 326 -13.00 -20.38 -3.57
CA GLY A 326 -12.72 -19.53 -4.70
C GLY A 326 -12.22 -20.35 -5.87
N ALA A 327 -12.32 -19.79 -7.07
CA ALA A 327 -11.90 -20.52 -8.25
C ALA A 327 -10.98 -19.67 -9.10
N ALA A 328 -9.96 -20.30 -9.67
CA ALA A 328 -9.12 -19.67 -10.67
C ALA A 328 -8.75 -20.65 -11.78
N THR A 329 -9.09 -20.33 -13.03
CA THR A 329 -8.69 -21.18 -14.15
C THR A 329 -7.76 -20.49 -15.16
N THR A 330 -7.15 -21.29 -16.01
CA THR A 330 -6.02 -20.87 -16.84
C THR A 330 -5.06 -19.92 -16.10
N VAL A 331 -4.74 -20.25 -14.86
CA VAL A 331 -3.69 -19.57 -14.14
C VAL A 331 -2.37 -19.80 -14.88
N SER A 332 -1.64 -18.74 -15.13
CA SER A 332 -0.38 -18.89 -15.84
C SER A 332 0.76 -18.46 -14.91
N MET A 333 1.37 -19.43 -14.24
CA MET A 333 2.46 -19.16 -13.32
C MET A 333 3.74 -18.89 -14.10
N GLY A 334 4.39 -17.76 -13.77
CA GLY A 334 5.69 -17.43 -14.34
C GLY A 334 6.77 -17.45 -13.29
N ASN A 335 8.02 -17.36 -13.74
CA ASN A 335 9.15 -17.28 -12.82
C ASN A 335 8.99 -16.14 -11.82
N GLY A 336 9.10 -16.47 -10.54
CA GLY A 336 8.97 -15.49 -9.48
C GLY A 336 7.54 -15.34 -8.97
N GLY A 337 6.61 -16.01 -9.65
CA GLY A 337 5.21 -15.94 -9.27
C GLY A 337 4.91 -16.72 -8.00
N VAL A 338 3.99 -16.22 -7.21
CA VAL A 338 3.65 -16.83 -5.92
C VAL A 338 2.19 -17.31 -5.89
N LEU A 339 1.96 -18.50 -5.34
CA LEU A 339 0.62 -19.05 -5.27
C LEU A 339 0.23 -19.39 -3.84
N LEU A 340 -0.93 -18.90 -3.41
CA LEU A 340 -1.50 -19.25 -2.11
C LEU A 340 -2.86 -19.89 -2.36
N ALA A 341 -3.01 -21.15 -2.00
CA ALA A 341 -4.26 -21.84 -2.26
C ALA A 341 -4.51 -22.86 -1.18
N ASP A 342 -5.75 -23.31 -1.03
CA ASP A 342 -5.99 -24.51 -0.23
C ASP A 342 -6.77 -25.56 -1.01
N SER A 343 -6.89 -26.74 -0.44
CA SER A 343 -7.48 -27.90 -1.12
C SER A 343 -8.98 -27.73 -1.35
N GLY A 344 -9.58 -26.76 -0.66
CA GLY A 344 -10.98 -26.43 -0.88
C GLY A 344 -11.20 -25.41 -1.99
N ALA A 345 -10.13 -25.09 -2.71
CA ALA A 345 -10.23 -24.16 -3.83
C ALA A 345 -10.32 -24.93 -5.14
N ALA A 346 -10.71 -24.23 -6.20
CA ALA A 346 -10.73 -24.81 -7.53
C ALA A 346 -9.75 -24.03 -8.37
N VAL A 347 -8.73 -24.71 -8.88
CA VAL A 347 -7.65 -24.07 -9.61
C VAL A 347 -7.21 -24.94 -10.79
N SER A 348 -6.97 -24.32 -11.93
CA SER A 348 -6.37 -25.01 -13.06
C SER A 348 -5.43 -24.04 -13.74
N GLY A 349 -4.28 -24.54 -14.18
CA GLY A 349 -3.33 -23.69 -14.85
C GLY A 349 -2.06 -24.41 -15.21
N THR A 350 -1.03 -23.64 -15.54
CA THR A 350 0.25 -24.23 -15.91
C THR A 350 1.42 -23.59 -15.14
N ARG A 351 2.30 -24.44 -14.60
CA ARG A 351 3.53 -23.97 -13.95
C ARG A 351 4.51 -23.35 -14.94
N SER A 352 5.58 -22.78 -14.42
CA SER A 352 6.61 -22.14 -15.24
C SER A 352 7.23 -23.14 -16.20
N ASP A 353 7.40 -24.38 -15.73
CA ASP A 353 8.00 -25.44 -16.54
C ASP A 353 7.08 -25.97 -17.64
N GLY A 354 5.84 -25.51 -17.65
CA GLY A 354 4.89 -25.88 -18.70
C GLY A 354 3.92 -26.98 -18.30
N LYS A 355 4.15 -27.60 -17.15
CA LYS A 355 3.31 -28.70 -16.68
C LYS A 355 2.00 -28.20 -16.11
N ALA A 356 0.95 -28.98 -16.28
CA ALA A 356 -0.39 -28.59 -15.83
C ALA A 356 -0.52 -28.90 -14.37
N PHE A 357 -1.30 -28.11 -13.66
CA PHE A 357 -1.63 -28.45 -12.29
C PHE A 357 -3.09 -28.15 -12.03
N SER A 358 -3.63 -28.70 -10.95
CA SER A 358 -5.04 -28.48 -10.67
C SER A 358 -5.40 -28.77 -9.23
N ILE A 359 -6.47 -28.14 -8.79
CA ILE A 359 -7.09 -28.42 -7.52
C ILE A 359 -8.58 -28.43 -7.84
N GLY A 360 -9.31 -29.38 -7.27
CA GLY A 360 -10.73 -29.51 -7.57
C GLY A 360 -11.34 -30.70 -6.85
N GLY A 361 -12.49 -30.49 -6.24
CA GLY A 361 -13.16 -31.53 -5.48
C GLY A 361 -12.27 -32.14 -4.41
N GLY A 362 -11.44 -31.31 -3.78
CA GLY A 362 -10.55 -31.76 -2.73
C GLY A 362 -9.35 -32.55 -3.20
N GLN A 363 -9.08 -32.52 -4.51
CA GLN A 363 -7.91 -33.21 -5.07
C GLN A 363 -6.95 -32.22 -5.70
N ALA A 364 -5.70 -32.23 -5.23
CA ALA A 364 -4.65 -31.41 -5.80
C ALA A 364 -3.76 -32.29 -6.64
N ASP A 365 -3.31 -31.78 -7.78
CA ASP A 365 -2.45 -32.57 -8.65
C ASP A 365 -1.36 -31.70 -9.25
N ALA A 366 -0.13 -32.08 -8.97
CA ALA A 366 1.06 -31.51 -9.60
C ALA A 366 1.30 -30.05 -9.22
N LEU A 367 0.90 -29.68 -8.00
CA LEU A 367 1.25 -28.38 -7.44
C LEU A 367 2.75 -28.17 -7.38
N MET A 368 3.20 -27.02 -7.87
CA MET A 368 4.60 -26.64 -7.73
C MET A 368 4.65 -25.44 -6.81
N LEU A 369 5.25 -25.61 -5.66
CA LEU A 369 5.31 -24.52 -4.68
C LEU A 369 6.73 -23.99 -4.48
N GLU A 370 7.08 -22.92 -5.21
CA GLU A 370 8.36 -22.24 -5.04
C GLU A 370 8.36 -21.36 -3.78
N LYS A 371 9.52 -20.78 -3.47
CA LYS A 371 9.66 -19.91 -2.32
C LYS A 371 8.60 -18.80 -2.35
N GLY A 372 7.87 -18.68 -1.26
CA GLY A 372 6.79 -17.71 -1.17
C GLY A 372 5.41 -18.32 -1.30
N SER A 373 5.31 -19.38 -2.11
CA SER A 373 4.03 -20.04 -2.32
C SER A 373 3.65 -20.94 -1.15
N SER A 374 2.36 -21.08 -0.90
CA SER A 374 1.91 -21.98 0.16
C SER A 374 0.58 -22.65 -0.16
N PHE A 375 0.47 -23.92 0.21
CA PHE A 375 -0.74 -24.70 -0.01
C PHE A 375 -1.18 -25.29 1.31
N THR A 376 -2.48 -25.32 1.55
CA THR A 376 -3.01 -25.93 2.76
C THR A 376 -3.88 -27.11 2.38
N LEU A 377 -3.54 -28.28 2.87
CA LEU A 377 -4.32 -29.48 2.59
C LEU A 377 -5.29 -29.70 3.73
N ASN A 378 -6.59 -29.58 3.42
CA ASN A 378 -7.63 -29.78 4.43
C ASN A 378 -7.88 -31.25 4.76
N ALA A 379 -8.44 -31.49 5.94
CA ALA A 379 -8.86 -32.82 6.35
C ALA A 379 -9.73 -33.47 5.28
N GLY A 380 -9.46 -34.74 4.98
CA GLY A 380 -10.27 -35.48 4.03
C GLY A 380 -9.82 -35.33 2.59
N ASP A 381 -8.88 -34.42 2.34
CA ASP A 381 -8.43 -34.18 0.97
C ASP A 381 -7.14 -34.92 0.57
N THR A 382 -6.79 -34.83 -0.69
CA THR A 382 -5.63 -35.53 -1.23
C THR A 382 -4.79 -34.61 -2.12
N ALA A 383 -3.49 -34.59 -1.89
CA ALA A 383 -2.58 -33.87 -2.76
C ALA A 383 -1.62 -34.87 -3.41
N THR A 384 -1.60 -34.87 -4.75
CA THR A 384 -0.88 -35.87 -5.50
C THR A 384 0.23 -35.25 -6.33
N ASP A 385 1.43 -35.81 -6.21
CA ASP A 385 2.58 -35.38 -6.99
C ASP A 385 2.98 -33.93 -6.74
N THR A 386 2.76 -33.46 -5.51
CA THR A 386 3.23 -32.13 -5.14
C THR A 386 4.75 -32.05 -5.14
N THR A 387 5.28 -30.99 -5.74
CA THR A 387 6.67 -30.63 -5.55
C THR A 387 6.72 -29.33 -4.75
N VAL A 388 7.32 -29.39 -3.56
CA VAL A 388 7.58 -28.19 -2.78
C VAL A 388 9.05 -27.85 -2.92
N ASN A 389 9.34 -26.69 -3.52
CA ASN A 389 10.71 -26.29 -3.79
C ASN A 389 11.02 -24.96 -3.11
N GLY A 390 11.22 -25.00 -1.81
CA GLY A 390 11.44 -23.79 -1.05
C GLY A 390 10.16 -23.22 -0.46
N GLY A 391 9.02 -23.71 -0.93
CA GLY A 391 7.73 -23.24 -0.44
C GLY A 391 7.26 -23.85 0.86
N LEU A 392 6.00 -23.62 1.17
CA LEU A 392 5.37 -24.16 2.39
C LEU A 392 4.16 -25.01 2.02
N PHE A 393 4.04 -26.16 2.67
CA PHE A 393 2.89 -27.02 2.52
C PHE A 393 2.42 -27.32 3.93
N THR A 394 1.17 -27.02 4.20
CA THR A 394 0.56 -27.28 5.50
C THR A 394 -0.56 -28.28 5.30
N ALA A 395 -0.63 -29.27 6.19
CA ALA A 395 -1.68 -30.27 6.11
C ALA A 395 -2.39 -30.40 7.46
N ARG A 396 -3.70 -30.19 7.45
CA ARG A 396 -4.50 -30.32 8.66
C ARG A 396 -5.03 -31.74 8.78
N GLY A 397 -4.73 -32.54 7.77
CA GLY A 397 -5.07 -33.95 7.74
C GLY A 397 -4.82 -34.44 6.32
N GLY A 398 -5.71 -35.29 5.81
CA GLY A 398 -5.66 -35.67 4.42
C GLY A 398 -4.56 -36.65 4.03
N THR A 399 -4.31 -36.74 2.72
CA THR A 399 -3.40 -37.75 2.20
C THR A 399 -2.45 -37.16 1.18
N LEU A 400 -1.18 -37.52 1.30
CA LEU A 400 -0.18 -37.23 0.29
C LEU A 400 -0.08 -38.44 -0.61
N ALA A 401 -0.04 -38.23 -1.92
CA ALA A 401 -0.04 -39.33 -2.86
C ALA A 401 0.88 -39.08 -4.04
N GLY A 402 1.14 -40.12 -4.82
CA GLY A 402 2.13 -40.03 -5.89
C GLY A 402 3.51 -39.76 -5.30
N THR A 403 4.25 -38.87 -5.93
CA THR A 403 5.56 -38.53 -5.42
C THR A 403 5.54 -37.11 -4.85
N THR A 404 5.57 -37.02 -3.52
CA THR A 404 5.65 -35.75 -2.83
C THR A 404 7.12 -35.37 -2.61
N THR A 405 7.53 -34.27 -3.26
CA THR A 405 8.93 -33.86 -3.28
C THR A 405 9.19 -32.64 -2.42
N LEU A 406 10.19 -32.74 -1.54
CA LEU A 406 10.58 -31.63 -0.67
C LEU A 406 12.02 -31.24 -0.95
N ASN A 407 12.23 -30.08 -1.58
CA ASN A 407 13.57 -29.62 -1.92
C ASN A 407 13.85 -28.20 -1.42
N ASN A 408 15.14 -27.88 -1.30
CA ASN A 408 15.63 -26.51 -1.21
C ASN A 408 14.91 -25.56 -0.25
N GLY A 409 14.78 -25.96 1.01
CA GLY A 409 14.18 -25.10 2.00
C GLY A 409 12.70 -25.37 2.21
N ALA A 410 12.22 -26.41 1.55
CA ALA A 410 10.82 -26.81 1.68
C ALA A 410 10.45 -27.04 3.14
N ILE A 411 9.24 -26.64 3.51
CA ILE A 411 8.71 -26.95 4.81
C ILE A 411 7.37 -27.64 4.63
N LEU A 412 7.18 -28.74 5.35
CA LEU A 412 5.93 -29.47 5.35
C LEU A 412 5.47 -29.53 6.79
N THR A 413 4.43 -28.77 7.11
CA THR A 413 3.93 -28.64 8.46
C THR A 413 2.62 -29.43 8.59
N LEU A 414 2.58 -30.33 9.57
CA LEU A 414 1.39 -31.13 9.82
C LEU A 414 0.73 -30.71 11.12
N SER A 415 -0.59 -30.53 11.08
CA SER A 415 -1.32 -30.12 12.29
C SER A 415 -2.38 -31.16 12.67
N GLY A 416 -2.44 -32.24 11.90
CA GLY A 416 -3.32 -33.35 12.22
C GLY A 416 -2.70 -34.68 11.82
N LYS A 417 -3.55 -35.67 11.57
CA LYS A 417 -3.08 -36.96 11.08
C LYS A 417 -3.12 -36.97 9.57
N THR A 418 -1.95 -37.07 8.96
CA THR A 418 -1.83 -37.08 7.51
C THR A 418 -1.39 -38.48 7.12
N VAL A 419 -1.71 -38.91 5.91
CA VAL A 419 -1.43 -40.26 5.47
C VAL A 419 -0.52 -40.24 4.25
N ASN A 420 0.50 -41.10 4.26
CA ASN A 420 1.29 -41.33 3.04
C ASN A 420 1.53 -42.82 2.83
N ASN A 421 1.13 -43.32 1.67
CA ASN A 421 1.31 -44.71 1.32
C ASN A 421 2.17 -44.80 0.07
N ASP A 422 2.52 -43.64 -0.47
CA ASP A 422 3.39 -43.58 -1.64
C ASP A 422 4.77 -43.03 -1.27
N THR A 423 5.33 -42.19 -2.12
CA THR A 423 6.71 -41.78 -1.93
C THR A 423 6.90 -40.31 -1.54
N LEU A 424 7.46 -40.09 -0.37
CA LEU A 424 7.91 -38.76 0.05
C LEU A 424 9.41 -38.66 -0.20
N THR A 425 9.83 -37.70 -1.01
CA THR A 425 11.23 -37.68 -1.44
C THR A 425 11.90 -36.31 -1.31
N ILE A 426 13.11 -36.33 -0.77
CA ILE A 426 13.95 -35.14 -0.68
C ILE A 426 15.18 -35.38 -1.53
N ARG A 427 15.38 -34.56 -2.55
CA ARG A 427 16.41 -34.85 -3.53
C ARG A 427 17.53 -33.80 -3.60
N GLU A 428 17.32 -32.66 -2.98
CA GLU A 428 18.18 -31.49 -3.21
C GLU A 428 17.95 -30.45 -2.11
N GLY A 429 19.02 -29.97 -1.51
CA GLY A 429 18.92 -29.01 -0.41
C GLY A 429 18.31 -29.57 0.87
N ASP A 430 17.75 -28.69 1.68
CA ASP A 430 17.24 -29.08 2.98
C ASP A 430 15.73 -29.20 2.94
N ALA A 431 15.16 -29.87 3.92
CA ALA A 431 13.72 -29.96 4.05
C ALA A 431 13.33 -30.09 5.52
N LEU A 432 12.15 -29.59 5.88
CA LEU A 432 11.65 -29.71 7.24
C LEU A 432 10.27 -30.33 7.22
N LEU A 433 10.11 -31.44 7.94
CA LEU A 433 8.79 -32.01 8.19
C LEU A 433 8.57 -31.86 9.66
N GLN A 434 7.48 -31.19 10.04
CA GLN A 434 7.29 -30.86 11.45
C GLN A 434 5.83 -30.96 11.87
N GLY A 435 5.65 -31.33 13.14
CA GLY A 435 4.34 -31.33 13.76
C GLY A 435 3.50 -32.54 13.41
N GLY A 436 2.38 -32.66 14.11
CA GLY A 436 1.35 -33.63 13.80
C GLY A 436 1.80 -35.07 13.67
N SER A 437 1.31 -35.72 12.63
CA SER A 437 1.50 -37.14 12.46
C SER A 437 1.45 -37.49 10.99
N LEU A 438 2.34 -38.38 10.56
CA LEU A 438 2.32 -38.91 9.21
C LEU A 438 2.41 -40.42 9.32
N THR A 439 1.39 -41.13 8.84
CA THR A 439 1.39 -42.58 8.91
C THR A 439 1.16 -43.20 7.55
N GLY A 440 1.21 -44.53 7.49
CA GLY A 440 0.96 -45.26 6.27
C GLY A 440 2.00 -46.30 5.93
N ASN A 441 1.89 -46.88 4.74
CA ASN A 441 2.83 -47.89 4.29
C ASN A 441 3.76 -47.29 3.26
N GLY A 442 3.81 -45.97 3.22
CA GLY A 442 4.68 -45.27 2.30
C GLY A 442 6.12 -45.28 2.75
N SER A 443 6.99 -44.80 1.88
CA SER A 443 8.40 -44.69 2.22
C SER A 443 8.93 -43.28 1.99
N VAL A 444 9.93 -42.89 2.77
CA VAL A 444 10.64 -41.63 2.56
C VAL A 444 11.98 -41.89 1.88
N GLU A 445 12.32 -41.09 0.88
CA GLU A 445 13.60 -41.20 0.19
C GLU A 445 14.42 -39.93 0.46
N LYS A 446 15.66 -40.10 0.91
CA LYS A 446 16.54 -38.95 1.14
C LYS A 446 17.81 -39.04 0.33
N SER A 447 17.97 -38.10 -0.59
CA SER A 447 19.18 -38.01 -1.40
C SER A 447 19.65 -36.56 -1.43
N GLY A 448 20.71 -36.31 -2.18
CA GLY A 448 21.35 -35.00 -2.14
C GLY A 448 22.09 -34.78 -0.82
N SER A 449 22.92 -33.75 -0.79
CA SER A 449 23.80 -33.49 0.36
C SER A 449 23.11 -32.69 1.49
N GLY A 450 21.86 -32.34 1.30
CA GLY A 450 21.15 -31.54 2.29
C GLY A 450 20.72 -32.33 3.50
N THR A 451 19.98 -31.67 4.39
CA THR A 451 19.51 -32.29 5.60
C THR A 451 17.98 -32.32 5.64
N LEU A 452 17.43 -33.50 5.86
CA LEU A 452 16.02 -33.64 6.15
C LEU A 452 15.85 -33.66 7.65
N THR A 453 15.21 -32.63 8.19
CA THR A 453 14.90 -32.59 9.60
C THR A 453 13.46 -33.01 9.81
N VAL A 454 13.25 -33.97 10.70
CA VAL A 454 11.91 -34.30 11.15
C VAL A 454 11.78 -33.81 12.59
N SER A 455 10.85 -32.90 12.84
CA SER A 455 10.74 -32.29 14.16
C SER A 455 9.34 -32.37 14.76
N ASN A 456 9.24 -33.01 15.93
CA ASN A 456 8.00 -33.07 16.67
C ASN A 456 6.85 -33.68 15.85
N THR A 457 7.14 -34.81 15.23
CA THR A 457 6.20 -35.52 14.39
C THR A 457 6.08 -36.97 14.85
N THR A 458 4.91 -37.56 14.72
CA THR A 458 4.82 -38.99 14.80
C THR A 458 4.91 -39.50 13.37
N LEU A 459 6.04 -40.11 13.04
CA LEU A 459 6.28 -40.59 11.69
C LEU A 459 6.29 -42.13 11.61
N THR A 460 5.26 -42.68 10.97
CA THR A 460 5.19 -44.11 10.78
C THR A 460 5.14 -44.43 9.30
N GLN A 461 6.22 -45.03 8.81
CA GLN A 461 6.36 -45.33 7.40
C GLN A 461 6.98 -46.71 7.29
N LYS A 462 6.90 -47.29 6.11
CA LYS A 462 7.42 -48.62 5.91
C LYS A 462 8.93 -48.60 5.98
N ALA A 463 9.52 -47.61 5.33
CA ALA A 463 10.97 -47.52 5.25
C ALA A 463 11.38 -46.08 4.97
N VAL A 464 12.53 -45.70 5.52
CA VAL A 464 13.15 -44.45 5.13
C VAL A 464 14.44 -44.80 4.39
N ASN A 465 14.49 -44.53 3.10
CA ASN A 465 15.70 -44.80 2.34
C ASN A 465 16.67 -43.63 2.44
N LEU A 466 17.60 -43.71 3.39
CA LEU A 466 18.61 -42.69 3.58
C LEU A 466 19.78 -42.94 2.63
N ASN A 467 19.73 -42.31 1.45
CA ASN A 467 20.72 -42.58 0.41
C ASN A 467 21.89 -41.62 0.38
N GLU A 468 21.65 -40.37 0.77
CA GLU A 468 22.71 -39.36 0.80
C GLU A 468 22.38 -38.27 1.82
N GLY A 469 23.40 -37.65 2.38
CA GLY A 469 23.20 -36.52 3.27
C GLY A 469 22.67 -36.90 4.63
N THR A 470 22.07 -35.93 5.32
CA THR A 470 21.73 -36.07 6.73
C THR A 470 20.23 -36.18 7.00
N LEU A 471 19.87 -37.13 7.85
CA LEU A 471 18.50 -37.22 8.34
C LEU A 471 18.54 -36.94 9.82
N THR A 472 17.83 -35.91 10.26
CA THR A 472 17.80 -35.56 11.68
C THR A 472 16.41 -35.78 12.22
N LEU A 473 16.31 -36.56 13.29
CA LEU A 473 15.02 -36.85 13.88
C LEU A 473 14.97 -36.21 15.25
N ASN A 474 14.35 -35.03 15.32
CA ASN A 474 14.29 -34.28 16.56
C ASN A 474 12.90 -34.38 17.20
N ASP A 475 12.88 -34.61 18.50
CA ASP A 475 11.63 -34.71 19.29
C ASP A 475 10.50 -35.49 18.60
N SER A 476 10.85 -36.57 17.91
CA SER A 476 9.86 -37.33 17.14
C SER A 476 9.72 -38.79 17.54
N THR A 477 8.51 -39.32 17.42
CA THR A 477 8.28 -40.73 17.61
C THR A 477 8.24 -41.40 16.25
N VAL A 478 9.33 -42.07 15.89
CA VAL A 478 9.46 -42.63 14.54
C VAL A 478 9.39 -44.15 14.55
N THR A 479 8.62 -44.69 13.61
CA THR A 479 8.40 -46.12 13.52
C THR A 479 8.57 -46.58 12.06
N THR A 480 9.74 -47.11 11.75
CA THR A 480 10.13 -47.39 10.36
C THR A 480 11.42 -48.19 10.34
N ASP A 481 11.85 -48.59 9.14
CA ASP A 481 13.16 -49.18 8.93
C ASP A 481 14.03 -48.18 8.22
N VAL A 482 14.98 -47.58 8.93
CA VAL A 482 15.92 -46.70 8.26
C VAL A 482 16.96 -47.53 7.52
N ILE A 483 16.98 -47.39 6.19
CA ILE A 483 17.90 -48.13 5.36
C ILE A 483 18.95 -47.18 4.79
N ALA A 484 20.13 -47.17 5.41
CA ALA A 484 21.19 -46.21 5.07
C ALA A 484 22.25 -46.73 4.10
N GLN A 485 22.90 -45.80 3.44
CA GLN A 485 23.98 -46.11 2.52
C GLN A 485 25.14 -45.18 2.83
N ARG A 486 26.28 -45.43 2.20
CA ARG A 486 27.45 -44.59 2.42
C ARG A 486 27.16 -43.15 2.01
N GLY A 487 27.83 -42.21 2.64
CA GLY A 487 27.64 -40.81 2.33
C GLY A 487 26.53 -40.19 3.15
N THR A 488 26.14 -40.83 4.24
CA THR A 488 25.01 -40.37 5.04
C THR A 488 25.34 -40.22 6.52
N ALA A 489 24.43 -39.54 7.22
CA ALA A 489 24.51 -39.37 8.65
C ALA A 489 23.08 -39.38 9.18
N LEU A 490 22.87 -40.06 10.29
CA LEU A 490 21.56 -40.12 10.90
C LEU A 490 21.68 -39.61 12.31
N LYS A 491 20.94 -38.56 12.65
CA LYS A 491 20.98 -38.00 14.00
C LYS A 491 19.66 -38.17 14.73
N LEU A 492 19.74 -38.61 15.97
CA LEU A 492 18.57 -38.69 16.84
C LEU A 492 18.74 -37.69 17.98
N THR A 493 17.96 -36.62 17.96
CA THR A 493 18.11 -35.58 18.96
C THR A 493 16.83 -35.34 19.76
N GLY A 494 16.98 -34.70 20.90
CA GLY A 494 15.85 -34.44 21.77
C GLY A 494 15.22 -35.69 22.34
N SER A 495 13.89 -35.73 22.31
CA SER A 495 13.12 -36.79 22.95
C SER A 495 12.74 -37.89 21.96
N THR A 496 13.46 -37.95 20.85
CA THR A 496 13.17 -38.93 19.81
C THR A 496 13.23 -40.38 20.28
N VAL A 497 12.22 -41.16 19.90
CA VAL A 497 12.25 -42.60 20.07
C VAL A 497 12.11 -43.23 18.69
N LEU A 498 12.92 -44.24 18.42
CA LEU A 498 12.87 -44.92 17.13
C LEU A 498 12.51 -46.40 17.27
N ASN A 499 11.62 -46.85 16.41
CA ASN A 499 11.25 -48.26 16.33
C ASN A 499 11.30 -48.75 14.88
N GLY A 500 12.14 -49.75 14.61
CA GLY A 500 12.95 -50.35 15.64
C GLY A 500 14.42 -50.54 15.30
N ALA A 501 14.77 -50.45 14.01
CA ALA A 501 16.13 -50.78 13.60
C ALA A 501 16.59 -50.10 12.31
N ILE A 502 17.88 -50.25 12.03
CA ILE A 502 18.53 -49.62 10.88
C ILE A 502 19.35 -50.63 10.10
N ASP A 503 19.09 -50.74 8.80
CA ASP A 503 19.84 -51.64 7.94
C ASP A 503 20.51 -50.83 6.84
#